data_5VKI
#
_entry.id   5VKI
#
_cell.length_a   115.861
_cell.length_b   115.861
_cell.length_c   101.760
_cell.angle_alpha   90.000
_cell.angle_beta   90.000
_cell.angle_gamma   90.000
#
_symmetry.space_group_name_H-M   'I 41'
#
loop_
_entity.id
_entity.type
_entity.pdbx_description
1 polymer 'Outer capsid protein VP4'
2 branched beta-D-galactopyranose-(1-3)-[2-acetamido-2-deoxy-beta-D-glucopyranose-(1-6)]2-acetamido-2-deoxy-beta-D-galactopyranose
3 non-polymer 'SULFATE ION'
4 non-polymer GLYCEROL
5 non-polymer THREONINE
6 water water
#
_entity_poly.entity_id   1
_entity_poly.type   'polypeptide(L)'
_entity_poly.pdbx_seq_one_letter_code
;VLDGPYQPVTFKPPNDYWILINSNSNGVVLEGTNNTDVWVAIISIEPNVNSESRQYSLFGVNKQITVVNTSNKWKFMEMF
RNNSNAEFQHKRTLTSSTKLVGILKHGGRLWTYHGETPNATTDYSTTSNLNEISVTTYAEFYIIPRSQESKCTEYINTGL
;
_entity_poly.pdbx_strand_id   A,B
#
# COMPACT_ATOMS: atom_id res chain seq x y z
N VAL A 1 3.47 5.97 -23.44
CA VAL A 1 3.57 4.49 -23.64
C VAL A 1 4.45 3.88 -22.55
N LEU A 2 4.08 4.13 -21.30
CA LEU A 2 4.79 3.59 -20.16
C LEU A 2 4.49 2.10 -19.98
N ASP A 3 5.50 1.37 -19.54
CA ASP A 3 5.34 -0.05 -19.19
C ASP A 3 4.73 -0.14 -17.80
N GLY A 4 3.40 -0.06 -17.75
CA GLY A 4 2.64 -0.10 -16.52
C GLY A 4 1.33 0.63 -16.70
N PRO A 5 0.54 0.83 -15.64
CA PRO A 5 0.90 0.57 -14.25
C PRO A 5 0.62 -0.88 -13.88
N TYR A 6 1.42 -1.46 -12.98
CA TYR A 6 1.21 -2.81 -12.45
C TYR A 6 0.79 -2.67 -10.99
N GLN A 7 -0.06 -3.58 -10.54
CA GLN A 7 -0.52 -3.56 -9.19
C GLN A 7 0.55 -4.16 -8.26
N PRO A 8 0.44 -3.87 -6.95
CA PRO A 8 1.34 -4.39 -5.95
C PRO A 8 1.56 -5.88 -6.04
N VAL A 9 2.83 -6.26 -5.89
CA VAL A 9 3.22 -7.66 -6.05
C VAL A 9 4.62 -7.90 -5.46
N THR A 10 4.92 -9.16 -5.15
CA THR A 10 6.25 -9.55 -4.78
C THR A 10 6.89 -10.15 -6.02
N PHE A 11 8.06 -9.66 -6.43
CA PHE A 11 8.73 -10.21 -7.63
C PHE A 11 10.23 -9.97 -7.57
N LYS A 12 10.93 -10.60 -8.48
CA LYS A 12 12.37 -10.43 -8.60
C LYS A 12 12.70 -9.54 -9.80
N PRO A 13 13.00 -8.24 -9.56
CA PRO A 13 13.20 -7.36 -10.67
C PRO A 13 14.41 -7.83 -11.45
N PRO A 14 14.32 -7.83 -12.79
CA PRO A 14 15.52 -8.05 -13.58
C PRO A 14 16.56 -6.95 -13.49
N ASN A 15 17.81 -7.35 -13.64
CA ASN A 15 18.93 -6.39 -13.74
C ASN A 15 18.69 -5.40 -14.89
N ASP A 16 18.99 -4.15 -14.61
CA ASP A 16 18.95 -3.08 -15.58
C ASP A 16 17.58 -2.57 -15.96
N TYR A 17 16.59 -2.77 -15.11
CA TYR A 17 15.33 -2.06 -15.20
C TYR A 17 14.98 -1.36 -13.90
N TRP A 18 14.71 -0.06 -14.03
CA TRP A 18 14.11 0.73 -12.96
C TRP A 18 12.70 0.29 -12.69
N ILE A 19 12.40 0.02 -11.41
CA ILE A 19 11.06 -0.06 -10.92
C ILE A 19 10.72 1.28 -10.31
N LEU A 20 9.69 1.92 -10.84
CA LEU A 20 9.31 3.28 -10.47
C LEU A 20 7.93 3.26 -9.89
N ILE A 21 7.86 3.51 -8.60
CA ILE A 21 6.65 3.34 -7.85
C ILE A 21 5.93 4.66 -7.61
N ASN A 22 4.63 4.65 -7.85
CA ASN A 22 3.85 5.87 -7.79
C ASN A 22 3.06 5.84 -6.53
N SER A 23 3.67 6.26 -5.44
CA SER A 23 3.00 6.15 -4.13
C SER A 23 2.04 7.32 -3.96
N ASN A 24 0.80 7.05 -3.58
CA ASN A 24 -0.17 8.14 -3.29
C ASN A 24 -0.26 8.36 -1.80
N SER A 25 0.27 7.44 -1.00
CA SER A 25 -0.08 7.40 0.38
C SER A 25 1.14 7.27 1.31
N ASN A 26 0.92 7.44 2.60
CA ASN A 26 1.97 7.27 3.58
C ASN A 26 2.19 5.78 3.84
N GLY A 27 3.10 5.45 4.75
CA GLY A 27 3.46 4.06 4.99
C GLY A 27 4.58 3.49 4.12
N VAL A 28 4.76 2.18 4.21
CA VAL A 28 5.79 1.47 3.48
C VAL A 28 5.46 1.51 1.99
N VAL A 29 6.42 1.90 1.17
CA VAL A 29 6.22 2.00 -0.26
C VAL A 29 6.73 0.74 -0.93
N LEU A 30 7.89 0.25 -0.47
CA LEU A 30 8.52 -0.96 -0.98
C LEU A 30 9.37 -1.55 0.10
N GLU A 31 9.59 -2.84 -0.01
CA GLU A 31 10.65 -3.47 0.72
C GLU A 31 11.31 -4.55 -0.14
N GLY A 32 12.60 -4.77 0.07
CA GLY A 32 13.31 -5.81 -0.68
C GLY A 32 14.40 -6.46 0.13
N THR A 33 14.76 -7.66 -0.27
CA THR A 33 15.78 -8.41 0.40
C THR A 33 16.22 -9.55 -0.47
N ASN A 34 17.49 -9.91 -0.28
CA ASN A 34 18.01 -11.18 -0.72
C ASN A 34 18.23 -12.17 0.43
N ASN A 35 17.75 -11.84 1.62
CA ASN A 35 17.94 -12.69 2.80
C ASN A 35 19.41 -12.96 3.22
N THR A 36 20.37 -12.30 2.59
CA THR A 36 21.77 -12.50 2.94
C THR A 36 22.45 -11.24 3.44
N ASP A 37 22.54 -10.22 2.59
CA ASP A 37 23.23 -8.97 2.93
C ASP A 37 22.49 -7.66 2.55
N VAL A 38 21.24 -7.76 2.12
CA VAL A 38 20.41 -6.56 1.89
C VAL A 38 18.99 -6.74 2.41
N TRP A 39 18.55 -5.78 3.22
CA TRP A 39 17.15 -5.56 3.54
C TRP A 39 16.94 -4.08 3.44
N VAL A 40 15.99 -3.67 2.62
CA VAL A 40 15.73 -2.26 2.44
C VAL A 40 14.23 -2.04 2.46
N ALA A 41 13.82 -0.93 3.04
CA ALA A 41 12.44 -0.49 3.00
C ALA A 41 12.38 1.00 2.86
N ILE A 42 11.46 1.48 2.07
CA ILE A 42 11.22 2.90 1.91
C ILE A 42 9.87 3.22 2.48
N ILE A 43 9.90 4.18 3.40
CA ILE A 43 8.78 4.59 4.21
C ILE A 43 8.41 6.00 3.77
N SER A 44 7.11 6.21 3.59
CA SER A 44 6.53 7.50 3.17
C SER A 44 5.90 8.24 4.35
N ILE A 45 6.26 9.51 4.46
CA ILE A 45 5.71 10.43 5.48
C ILE A 45 5.14 11.65 4.77
N GLU A 46 3.86 11.92 5.04
CA GLU A 46 3.17 13.03 4.37
C GLU A 46 3.72 14.42 4.79
N PRO A 47 3.37 15.48 4.05
CA PRO A 47 3.76 16.82 4.44
C PRO A 47 3.28 17.27 5.81
N ASN A 48 4.11 18.06 6.47
CA ASN A 48 3.72 18.84 7.65
C ASN A 48 3.36 17.97 8.82
N VAL A 49 4.24 17.03 9.12
CA VAL A 49 4.08 16.15 10.25
C VAL A 49 5.10 16.56 11.32
N ASN A 50 4.62 16.84 12.53
CA ASN A 50 5.50 17.05 13.65
C ASN A 50 5.92 15.73 14.23
N SER A 51 7.00 15.76 14.99
CA SER A 51 7.64 14.57 15.44
C SER A 51 6.64 13.60 16.06
N GLU A 52 6.60 12.36 15.57
CA GLU A 52 5.84 11.33 16.25
C GLU A 52 6.37 9.93 15.98
N SER A 53 6.02 9.01 16.87
CA SER A 53 6.33 7.60 16.70
C SER A 53 5.25 6.91 15.86
N ARG A 54 5.64 6.18 14.83
CA ARG A 54 4.69 5.42 14.01
C ARG A 54 5.16 3.98 13.83
N GLN A 55 4.21 3.12 13.54
CA GLN A 55 4.49 1.72 13.42
C GLN A 55 4.50 1.33 11.94
N TYR A 56 5.44 0.46 11.59
CA TYR A 56 5.53 -0.06 10.22
C TYR A 56 5.79 -1.55 10.27
N SER A 57 5.14 -2.33 9.41
CA SER A 57 5.50 -3.74 9.30
C SER A 57 6.56 -3.96 8.23
N LEU A 58 7.75 -4.42 8.61
CA LEU A 58 8.84 -4.64 7.67
C LEU A 58 9.14 -6.14 7.58
N PHE A 59 8.91 -6.71 6.39
CA PHE A 59 9.08 -8.16 6.16
C PHE A 59 8.23 -8.98 7.14
N GLY A 60 7.00 -8.52 7.40
CA GLY A 60 6.11 -9.17 8.37
C GLY A 60 6.32 -8.87 9.86
N VAL A 61 7.24 -8.00 10.23
CA VAL A 61 7.59 -7.69 11.64
C VAL A 61 7.32 -6.19 11.99
N ASN A 62 6.70 -5.90 13.12
CA ASN A 62 6.33 -4.52 13.45
C ASN A 62 7.51 -3.77 13.98
N LYS A 63 7.72 -2.54 13.47
CA LYS A 63 8.81 -1.67 13.94
C LYS A 63 8.28 -0.26 14.25
N GLN A 64 8.80 0.35 15.32
CA GLN A 64 8.45 1.72 15.69
C GLN A 64 9.53 2.62 15.21
N ILE A 65 9.17 3.65 14.44
CA ILE A 65 10.14 4.64 13.98
C ILE A 65 9.60 6.03 14.29
N THR A 66 10.42 6.87 14.89
CA THR A 66 10.02 8.24 15.10
C THR A 66 10.24 9.01 13.83
N VAL A 67 9.25 9.79 13.40
CA VAL A 67 9.34 10.45 12.11
C VAL A 67 9.05 11.91 12.29
N VAL A 68 9.40 12.70 11.28
CA VAL A 68 9.05 14.10 11.27
C VAL A 68 9.21 14.58 9.86
N ASN A 69 8.38 15.53 9.45
CA ASN A 69 8.49 16.12 8.11
C ASN A 69 7.77 17.45 8.13
N THR A 70 8.49 18.53 8.42
CA THR A 70 7.86 19.87 8.42
C THR A 70 7.83 20.53 7.05
N SER A 71 8.33 19.85 6.03
CA SER A 71 8.26 20.29 4.64
C SER A 71 6.84 20.23 4.06
N ASN A 72 6.63 20.93 2.97
CA ASN A 72 5.45 20.75 2.14
C ASN A 72 5.61 19.62 1.15
N LYS A 73 6.82 19.08 1.06
CA LYS A 73 7.07 17.86 0.31
C LYS A 73 6.87 16.59 1.13
N TRP A 74 6.64 15.50 0.42
CA TRP A 74 6.62 14.18 0.99
C TRP A 74 8.03 13.70 1.28
N LYS A 75 8.16 12.95 2.36
CA LYS A 75 9.43 12.43 2.75
C LYS A 75 9.46 10.91 2.67
N PHE A 76 10.51 10.37 2.05
CA PHE A 76 10.70 8.93 1.88
C PHE A 76 11.99 8.53 2.55
N MET A 77 11.87 7.88 3.70
CA MET A 77 13.05 7.44 4.40
C MET A 77 13.45 6.06 3.91
N GLU A 78 14.72 5.90 3.59
CA GLU A 78 15.26 4.62 3.19
C GLU A 78 15.89 3.96 4.41
N MET A 79 15.32 2.83 4.82
CA MET A 79 15.74 2.11 5.97
C MET A 79 16.47 0.91 5.47
N PHE A 80 17.55 0.54 6.15
CA PHE A 80 18.46 -0.44 5.62
C PHE A 80 19.13 -1.25 6.71
N ARG A 81 19.44 -2.49 6.37
CA ARG A 81 20.46 -3.26 7.10
C ARG A 81 21.08 -4.35 6.25
N ASN A 82 22.26 -4.80 6.66
CA ASN A 82 22.98 -5.79 5.87
C ASN A 82 23.17 -7.10 6.61
N ASN A 83 22.35 -7.36 7.62
CA ASN A 83 22.44 -8.60 8.37
C ASN A 83 21.09 -8.84 9.01
N SER A 84 20.64 -10.09 9.03
CA SER A 84 19.33 -10.44 9.63
C SER A 84 19.26 -10.20 11.11
N ASN A 85 20.38 -10.18 11.82
CA ASN A 85 20.36 -9.93 13.27
C ASN A 85 20.44 -8.48 13.67
N ALA A 86 20.65 -7.57 12.71
CA ALA A 86 20.79 -6.15 13.01
C ALA A 86 19.45 -5.45 12.97
N GLU A 87 19.30 -4.29 13.61
CA GLU A 87 18.09 -3.48 13.41
C GLU A 87 18.21 -2.57 12.16
N PHE A 88 17.06 -2.22 11.63
CA PHE A 88 17.01 -1.30 10.52
C PHE A 88 17.52 0.04 10.98
N GLN A 89 18.29 0.70 10.13
CA GLN A 89 18.71 2.06 10.38
C GLN A 89 18.32 2.96 9.24
N HIS A 90 18.12 4.23 9.55
CA HIS A 90 17.89 5.24 8.55
C HIS A 90 19.16 5.49 7.75
N LYS A 91 19.13 5.23 6.46
CA LYS A 91 20.32 5.38 5.63
C LYS A 91 20.32 6.66 4.81
N ARG A 92 19.20 6.95 4.15
CA ARG A 92 19.13 8.07 3.22
C ARG A 92 17.68 8.58 3.18
N THR A 93 17.46 9.70 2.50
CA THR A 93 16.13 10.30 2.45
C THR A 93 15.91 10.91 1.11
N LEU A 94 14.70 10.75 0.57
CA LEU A 94 14.26 11.46 -0.61
C LEU A 94 13.07 12.35 -0.23
N THR A 95 13.18 13.63 -0.55
CA THR A 95 12.19 14.64 -0.22
C THR A 95 11.60 15.10 -1.55
N SER A 96 10.30 14.86 -1.74
CA SER A 96 9.75 14.80 -3.10
C SER A 96 8.42 15.51 -3.24
N SER A 97 8.26 16.28 -4.28
CA SER A 97 6.92 16.80 -4.64
C SER A 97 6.15 15.85 -5.56
N THR A 98 6.79 14.84 -6.13
CA THR A 98 6.18 14.00 -7.16
C THR A 98 5.64 12.71 -6.60
N LYS A 99 6.17 12.27 -5.47
CA LYS A 99 5.78 11.03 -4.81
C LYS A 99 6.16 9.75 -5.54
N LEU A 100 7.15 9.86 -6.41
CA LEU A 100 7.68 8.75 -7.13
C LEU A 100 8.99 8.26 -6.52
N VAL A 101 9.08 6.94 -6.41
CA VAL A 101 10.21 6.28 -5.77
C VAL A 101 10.76 5.23 -6.74
N GLY A 102 12.07 5.09 -6.81
CA GLY A 102 12.72 4.20 -7.75
C GLY A 102 13.61 3.16 -7.08
N ILE A 103 13.71 1.98 -7.68
CA ILE A 103 14.72 1.01 -7.27
C ILE A 103 15.25 0.23 -8.47
N LEU A 104 16.56 -0.02 -8.48
CA LEU A 104 17.22 -0.62 -9.64
C LEU A 104 18.33 -1.55 -9.21
N LYS A 105 18.40 -2.71 -9.85
CA LYS A 105 19.54 -3.62 -9.67
C LYS A 105 20.47 -3.49 -10.84
N HIS A 106 21.71 -3.08 -10.58
CA HIS A 106 22.69 -2.85 -11.65
C HIS A 106 24.13 -2.81 -11.16
N GLY A 107 24.98 -3.55 -11.85
CA GLY A 107 26.39 -3.41 -11.64
C GLY A 107 26.85 -3.73 -10.26
N GLY A 108 26.40 -4.84 -9.74
CA GLY A 108 26.82 -5.27 -8.39
C GLY A 108 26.18 -4.49 -7.27
N ARG A 109 25.26 -3.57 -7.62
CA ARG A 109 24.74 -2.65 -6.63
C ARG A 109 23.22 -2.48 -6.70
N LEU A 110 22.67 -2.01 -5.61
CA LEU A 110 21.29 -1.65 -5.55
C LEU A 110 21.15 -0.15 -5.47
N TRP A 111 20.39 0.40 -6.41
CA TRP A 111 20.21 1.80 -6.56
C TRP A 111 18.81 2.31 -6.17
N THR A 112 18.82 3.46 -5.51
CA THR A 112 17.64 4.27 -5.16
C THR A 112 17.95 5.73 -5.41
N TYR A 113 16.95 6.59 -5.27
CA TYR A 113 17.11 8.02 -5.39
C TYR A 113 17.10 8.66 -4.00
N HIS A 114 17.94 9.70 -3.86
CA HIS A 114 17.90 10.48 -2.64
C HIS A 114 18.13 11.95 -2.90
N GLY A 115 17.97 12.75 -1.87
CA GLY A 115 18.11 14.19 -2.05
C GLY A 115 16.74 14.81 -2.16
N GLU A 116 16.61 15.89 -2.91
CA GLU A 116 15.37 16.67 -2.88
C GLU A 116 15.00 17.06 -4.28
N THR A 117 13.74 16.80 -4.65
CA THR A 117 13.28 17.15 -5.99
C THR A 117 13.38 18.67 -6.16
N PRO A 118 13.71 19.14 -7.37
CA PRO A 118 13.93 18.45 -8.63
C PRO A 118 15.36 18.04 -8.90
N ASN A 119 16.17 17.90 -7.85
CA ASN A 119 17.58 17.54 -7.99
C ASN A 119 17.96 16.20 -7.37
N ALA A 120 16.99 15.28 -7.29
CA ALA A 120 17.26 13.95 -6.73
C ALA A 120 18.23 13.18 -7.58
N THR A 121 19.07 12.41 -6.92
CA THR A 121 20.14 11.67 -7.57
C THR A 121 20.14 10.25 -7.08
N THR A 122 20.81 9.41 -7.84
CA THR A 122 20.95 8.02 -7.46
C THR A 122 22.12 7.82 -6.52
N ASP A 123 21.96 6.81 -5.66
CA ASP A 123 23.04 6.32 -4.83
C ASP A 123 22.79 4.84 -4.58
N TYR A 124 23.78 4.16 -4.02
CA TYR A 124 23.75 2.70 -3.99
C TYR A 124 24.00 2.11 -2.63
N SER A 125 23.63 0.84 -2.52
CA SER A 125 24.09 -0.02 -1.48
C SER A 125 24.79 -1.20 -2.17
N THR A 126 25.79 -1.78 -1.50
CA THR A 126 26.60 -2.84 -2.11
C THR A 126 26.03 -4.15 -1.64
N THR A 127 26.29 -5.17 -2.43
CA THR A 127 25.83 -6.49 -2.06
C THR A 127 26.73 -7.46 -2.79
N SER A 128 26.93 -8.64 -2.22
CA SER A 128 27.51 -9.71 -3.02
C SER A 128 26.46 -10.67 -3.62
N ASN A 129 25.18 -10.31 -3.58
CA ASN A 129 24.09 -11.22 -4.08
C ASN A 129 22.93 -10.40 -4.64
N LEU A 130 23.25 -9.71 -5.74
CA LEU A 130 22.38 -8.74 -6.32
C LEU A 130 21.13 -9.43 -6.94
N ASN A 131 21.38 -10.44 -7.72
CA ASN A 131 20.33 -11.05 -8.54
C ASN A 131 19.23 -11.63 -7.64
N GLU A 132 19.55 -12.03 -6.42
CA GLU A 132 18.58 -12.63 -5.54
C GLU A 132 17.73 -11.61 -4.79
N ILE A 133 17.93 -10.31 -4.98
CA ILE A 133 17.07 -9.34 -4.34
C ILE A 133 15.67 -9.38 -4.95
N SER A 134 14.68 -9.70 -4.14
CA SER A 134 13.27 -9.51 -4.53
C SER A 134 12.64 -8.33 -3.80
N VAL A 135 11.62 -7.73 -4.44
CA VAL A 135 10.92 -6.60 -3.87
C VAL A 135 9.40 -6.87 -3.75
N THR A 136 8.79 -6.28 -2.74
CA THR A 136 7.37 -6.21 -2.67
C THR A 136 7.06 -4.73 -2.80
N THR A 137 6.24 -4.36 -3.77
CA THR A 137 5.65 -3.01 -3.84
C THR A 137 4.29 -2.91 -3.15
N TYR A 138 3.94 -1.70 -2.67
CA TYR A 138 2.69 -1.45 -1.96
C TYR A 138 1.88 -0.40 -2.68
N ALA A 139 2.27 -0.10 -3.90
CA ALA A 139 1.54 0.80 -4.75
C ALA A 139 1.86 0.46 -6.21
N GLU A 140 1.05 0.97 -7.14
CA GLU A 140 1.28 0.80 -8.61
C GLU A 140 2.67 1.18 -8.99
N PHE A 141 3.21 0.48 -9.98
CA PHE A 141 4.52 0.82 -10.47
C PHE A 141 4.64 0.66 -11.94
N TYR A 142 5.73 1.20 -12.46
CA TYR A 142 6.09 1.13 -13.86
C TYR A 142 7.47 0.57 -13.97
N ILE A 143 7.83 0.11 -15.16
CA ILE A 143 9.14 -0.47 -15.41
C ILE A 143 9.84 0.30 -16.54
N ILE A 144 11.09 0.69 -16.31
CA ILE A 144 11.79 1.57 -17.24
C ILE A 144 13.18 1.05 -17.40
N PRO A 145 13.62 0.76 -18.64
CA PRO A 145 14.97 0.22 -18.83
C PRO A 145 16.03 1.21 -18.41
N ARG A 146 17.14 0.70 -17.90
CA ARG A 146 18.25 1.55 -17.48
C ARG A 146 18.77 2.41 -18.63
N SER A 147 18.76 1.88 -19.84
CA SER A 147 19.08 2.66 -21.03
C SER A 147 18.26 3.96 -21.13
N GLN A 148 17.08 4.01 -20.51
CA GLN A 148 16.27 5.22 -20.42
C GLN A 148 16.26 5.89 -19.02
N GLU A 149 17.32 5.69 -18.26
CA GLU A 149 17.40 6.24 -16.92
C GLU A 149 17.17 7.76 -16.88
N SER A 150 17.63 8.50 -17.87
CA SER A 150 17.36 9.96 -17.76
C SER A 150 15.86 10.28 -17.72
N LYS A 151 15.06 9.46 -18.41
CA LYS A 151 13.62 9.63 -18.38
C LYS A 151 13.08 9.28 -16.98
N CYS A 152 13.56 8.19 -16.42
CA CYS A 152 13.20 7.83 -15.04
C CYS A 152 13.57 8.96 -14.04
N THR A 153 14.78 9.50 -14.17
CA THR A 153 15.25 10.59 -13.29
C THR A 153 14.33 11.84 -13.43
N GLU A 154 13.91 12.11 -14.66
CA GLU A 154 13.00 13.21 -14.91
C GLU A 154 11.66 12.95 -14.24
N TYR A 155 11.17 11.71 -14.30
CA TYR A 155 9.88 11.43 -13.64
C TYR A 155 9.99 11.59 -12.14
N ILE A 156 11.06 11.03 -11.58
CA ILE A 156 11.33 11.18 -10.14
C ILE A 156 11.29 12.66 -9.72
N ASN A 157 11.87 13.51 -10.55
CA ASN A 157 12.09 14.91 -10.21
C ASN A 157 10.96 15.88 -10.61
N THR A 158 10.23 15.55 -11.67
CA THR A 158 9.17 16.43 -12.17
C THR A 158 7.81 15.79 -12.39
N GLY A 159 7.68 14.48 -12.35
CA GLY A 159 6.33 13.87 -12.32
C GLY A 159 6.11 13.12 -13.60
N LEU A 160 5.16 12.18 -13.59
CA LEU A 160 4.85 11.32 -14.76
C LEU A 160 4.36 12.09 -16.00
N VAL B 1 -1.95 -18.73 15.55
CA VAL B 1 -1.75 -19.55 14.33
C VAL B 1 -2.61 -19.03 13.19
N LEU B 2 -2.40 -17.76 12.85
CA LEU B 2 -3.12 -17.12 11.76
C LEU B 2 -2.59 -17.55 10.40
N ASP B 3 -3.50 -17.65 9.43
CA ASP B 3 -3.14 -17.92 8.04
C ASP B 3 -2.68 -16.61 7.40
N GLY B 4 -1.41 -16.31 7.62
CA GLY B 4 -0.76 -15.13 7.08
C GLY B 4 0.41 -14.74 7.97
N PRO B 5 0.98 -13.56 7.78
CA PRO B 5 0.53 -12.51 6.87
C PRO B 5 1.05 -12.75 5.46
N TYR B 6 0.26 -12.36 4.45
CA TYR B 6 0.64 -12.43 3.05
C TYR B 6 0.88 -10.99 2.55
N GLN B 7 1.80 -10.83 1.62
CA GLN B 7 2.09 -9.55 1.08
C GLN B 7 1.07 -9.18 0.00
N PRO B 8 1.01 -7.89 -0.36
CA PRO B 8 0.11 -7.39 -1.37
C PRO B 8 0.16 -8.15 -2.66
N VAL B 9 -1.03 -8.44 -3.19
CA VAL B 9 -1.15 -9.24 -4.41
C VAL B 9 -2.53 -9.03 -5.01
N THR B 10 -2.65 -9.33 -6.31
CA THR B 10 -3.95 -9.43 -6.95
C THR B 10 -4.31 -10.92 -6.99
N PHE B 11 -5.49 -11.28 -6.50
CA PHE B 11 -5.93 -12.69 -6.51
C PHE B 11 -7.45 -12.80 -6.50
N LYS B 12 -7.91 -14.02 -6.68
CA LYS B 12 -9.34 -14.30 -6.60
C LYS B 12 -9.69 -15.02 -5.30
N PRO B 13 -10.25 -14.30 -4.31
CA PRO B 13 -10.50 -14.92 -3.04
C PRO B 13 -11.52 -16.01 -3.24
N PRO B 14 -11.29 -17.18 -2.63
CA PRO B 14 -12.33 -18.20 -2.63
C PRO B 14 -13.54 -17.83 -1.79
N ASN B 15 -14.68 -18.35 -2.19
CA ASN B 15 -15.93 -18.20 -1.43
C ASN B 15 -15.76 -18.76 -0.03
N ASP B 16 -16.35 -18.05 0.92
CA ASP B 16 -16.36 -18.40 2.32
C ASP B 16 -15.06 -18.25 3.09
N TYR B 17 -14.17 -17.42 2.61
CA TYR B 17 -13.02 -17.00 3.39
C TYR B 17 -12.93 -15.48 3.47
N TRP B 18 -12.86 -14.98 4.71
CA TRP B 18 -12.57 -13.58 4.99
C TRP B 18 -11.13 -13.28 4.64
N ILE B 19 -10.92 -12.21 3.87
CA ILE B 19 -9.63 -11.60 3.71
C ILE B 19 -9.62 -10.43 4.66
N LEU B 20 -8.66 -10.42 5.58
CA LEU B 20 -8.57 -9.44 6.64
C LEU B 20 -7.25 -8.72 6.50
N ILE B 21 -7.35 -7.44 6.18
CA ILE B 21 -6.21 -6.65 5.80
C ILE B 21 -5.77 -5.70 6.91
N ASN B 22 -4.47 -5.69 7.16
CA ASN B 22 -3.95 -5.01 8.30
C ASN B 22 -3.31 -3.77 7.79
N SER B 23 -4.09 -2.72 7.59
CA SER B 23 -3.54 -1.50 6.97
C SER B 23 -2.80 -0.69 8.05
N ASN B 24 -1.58 -0.29 7.79
CA ASN B 24 -0.88 0.64 8.71
C ASN B 24 -1.00 2.08 8.20
N SER B 25 -1.39 2.26 6.95
CA SER B 25 -1.24 3.56 6.36
C SER B 25 -2.52 4.10 5.73
N ASN B 26 -2.50 5.35 5.32
CA ASN B 26 -3.62 5.94 4.65
C ASN B 26 -3.57 5.50 3.19
N GLY B 27 -4.51 5.92 2.38
CA GLY B 27 -4.57 5.53 0.98
C GLY B 27 -5.50 4.36 0.73
N VAL B 28 -5.44 3.84 -0.49
CA VAL B 28 -6.25 2.69 -0.89
C VAL B 28 -5.79 1.43 -0.14
N VAL B 29 -6.71 0.71 0.46
CA VAL B 29 -6.42 -0.46 1.24
C VAL B 29 -6.64 -1.69 0.37
N LEU B 30 -7.72 -1.69 -0.40
CA LEU B 30 -8.08 -2.76 -1.32
C LEU B 30 -8.90 -2.22 -2.44
N GLU B 31 -8.89 -2.93 -3.53
CA GLU B 31 -9.91 -2.74 -4.54
C GLU B 31 -10.26 -4.08 -5.16
N GLY B 32 -11.50 -4.21 -5.62
CA GLY B 32 -11.94 -5.44 -6.26
C GLY B 32 -12.97 -5.19 -7.33
N THR B 33 -13.08 -6.12 -8.26
CA THR B 33 -14.03 -6.01 -9.32
C THR B 33 -14.17 -7.35 -10.00
N ASN B 34 -15.37 -7.57 -10.51
CA ASN B 34 -15.63 -8.61 -11.47
C ASN B 34 -15.78 -8.06 -12.89
N ASN B 35 -15.52 -6.77 -13.08
CA ASN B 35 -15.67 -6.11 -14.39
C ASN B 35 -17.12 -6.13 -14.97
N THR B 36 -18.11 -6.59 -14.22
CA THR B 36 -19.48 -6.58 -14.72
C THR B 36 -20.42 -5.68 -13.90
N ASP B 37 -20.64 -6.05 -12.63
CA ASP B 37 -21.52 -5.34 -11.74
C ASP B 37 -20.96 -5.01 -10.33
N VAL B 38 -19.69 -5.24 -10.07
CA VAL B 38 -19.05 -4.74 -8.82
C VAL B 38 -17.69 -4.09 -9.06
N TRP B 39 -17.52 -2.87 -8.55
CA TRP B 39 -16.21 -2.25 -8.36
C TRP B 39 -16.24 -1.67 -6.97
N VAL B 40 -15.34 -2.09 -6.10
CA VAL B 40 -15.29 -1.57 -4.77
C VAL B 40 -13.86 -1.18 -4.45
N ALA B 41 -13.70 -0.10 -3.68
CA ALA B 41 -12.40 0.28 -3.16
C ALA B 41 -12.58 0.82 -1.77
N ILE B 42 -11.69 0.46 -0.87
CA ILE B 42 -11.69 0.99 0.47
C ILE B 42 -10.48 1.88 0.63
N ILE B 43 -10.76 3.12 1.04
CA ILE B 43 -9.84 4.21 1.17
C ILE B 43 -9.66 4.50 2.66
N SER B 44 -8.40 4.66 3.08
CA SER B 44 -8.01 4.93 4.49
C SER B 44 -7.63 6.41 4.67
N ILE B 45 -8.23 7.02 5.70
CA ILE B 45 -7.99 8.39 6.09
C ILE B 45 -7.55 8.39 7.55
N GLU B 46 -6.36 8.93 7.83
CA GLU B 46 -5.84 8.94 9.20
C GLU B 46 -6.68 9.83 10.18
N PRO B 47 -6.47 9.69 11.49
CA PRO B 47 -7.12 10.56 12.46
C PRO B 47 -6.82 12.03 12.30
N ASN B 48 -7.83 12.84 12.58
CA ASN B 48 -7.70 14.28 12.79
C ASN B 48 -7.37 15.00 11.55
N VAL B 49 -8.12 14.73 10.50
CA VAL B 49 -7.92 15.37 9.21
C VAL B 49 -9.08 16.33 8.96
N ASN B 50 -8.77 17.60 8.76
CA ASN B 50 -9.79 18.54 8.32
C ASN B 50 -10.03 18.37 6.84
N SER B 51 -11.16 18.88 6.38
CA SER B 51 -11.64 18.61 5.08
C SER B 51 -10.58 18.94 4.02
N GLU B 52 -10.26 17.99 3.16
CA GLU B 52 -9.42 18.28 2.00
C GLU B 52 -9.66 17.35 0.81
N SER B 53 -9.27 17.81 -0.37
CA SER B 53 -9.29 16.98 -1.57
C SER B 53 -8.04 16.12 -1.64
N ARG B 54 -8.18 14.82 -1.85
CA ARG B 54 -7.04 13.92 -2.05
C ARG B 54 -7.24 13.06 -3.31
N GLN B 55 -6.13 12.61 -3.84
CA GLN B 55 -6.15 11.85 -5.06
C GLN B 55 -5.94 10.37 -4.75
N TYR B 56 -6.72 9.51 -5.41
CA TYR B 56 -6.51 8.07 -5.28
C TYR B 56 -6.51 7.42 -6.66
N SER B 57 -5.68 6.40 -6.83
CA SER B 57 -5.72 5.64 -8.08
C SER B 57 -6.61 4.41 -7.93
N LEU B 58 -7.70 4.35 -8.67
CA LEU B 58 -8.67 3.27 -8.54
C LEU B 58 -8.73 2.48 -9.84
N PHE B 59 -8.25 1.23 -9.79
CA PHE B 59 -8.13 0.38 -10.99
C PHE B 59 -7.25 1.03 -12.06
N GLY B 60 -6.16 1.66 -11.65
CA GLY B 60 -5.28 2.39 -12.58
C GLY B 60 -5.72 3.79 -13.02
N VAL B 61 -6.79 4.36 -12.46
CA VAL B 61 -7.33 5.66 -12.88
C VAL B 61 -7.39 6.66 -11.69
N ASN B 62 -6.96 7.90 -11.88
CA ASN B 62 -6.87 8.86 -10.78
C ASN B 62 -8.22 9.43 -10.45
N LYS B 63 -8.55 9.49 -9.15
CA LYS B 63 -9.82 10.08 -8.71
C LYS B 63 -9.57 11.06 -7.55
N GLN B 64 -10.29 12.17 -7.55
CA GLN B 64 -10.21 13.17 -6.48
C GLN B 64 -11.40 12.95 -5.59
N ILE B 65 -11.17 12.74 -4.30
CA ILE B 65 -12.25 12.61 -3.33
C ILE B 65 -11.98 13.60 -2.21
N THR B 66 -13.00 14.33 -1.80
CA THR B 66 -12.89 15.17 -0.65
C THR B 66 -13.13 14.36 0.59
N VAL B 67 -12.26 14.47 1.58
CA VAL B 67 -12.29 13.60 2.73
C VAL B 67 -12.26 14.44 4.00
N VAL B 68 -12.62 13.85 5.12
CA VAL B 68 -12.51 14.49 6.40
C VAL B 68 -12.61 13.43 7.44
N ASN B 69 -11.92 13.62 8.55
CA ASN B 69 -12.00 12.69 9.66
C ASN B 69 -11.52 13.41 10.89
N THR B 70 -12.45 13.98 11.67
CA THR B 70 -12.06 14.66 12.90
C THR B 70 -11.99 13.74 14.12
N SER B 71 -12.32 12.48 13.94
CA SER B 71 -12.11 11.41 14.94
C SER B 71 -10.64 11.19 15.30
N ASN B 72 -10.44 10.55 16.44
CA ASN B 72 -9.16 9.93 16.76
C ASN B 72 -9.01 8.55 16.17
N LYS B 73 -10.11 8.01 15.65
CA LYS B 73 -10.06 6.76 14.90
C LYS B 73 -9.71 6.96 13.44
N TRP B 74 -9.24 5.88 12.84
CA TRP B 74 -9.04 5.84 11.40
C TRP B 74 -10.38 5.64 10.69
N LYS B 75 -10.50 6.25 9.52
CA LYS B 75 -11.72 6.16 8.75
C LYS B 75 -11.46 5.42 7.45
N PHE B 76 -12.33 4.46 7.17
CA PHE B 76 -12.22 3.67 5.95
C PHE B 76 -13.48 3.88 5.14
N MET B 77 -13.36 4.60 4.03
CA MET B 77 -14.51 4.85 3.18
C MET B 77 -14.59 3.75 2.16
N GLU B 78 -15.78 3.20 1.98
CA GLU B 78 -16.05 2.18 0.97
C GLU B 78 -16.68 2.87 -0.23
N MET B 79 -15.97 2.85 -1.33
CA MET B 79 -16.38 3.49 -2.55
C MET B 79 -16.84 2.39 -3.45
N PHE B 80 -17.89 2.62 -4.22
CA PHE B 80 -18.55 1.56 -4.93
C PHE B 80 -19.20 2.05 -6.22
N ARG B 81 -19.33 1.14 -7.15
CA ARG B 81 -20.25 1.31 -8.28
C ARG B 81 -20.56 -0.02 -8.91
N ASN B 82 -21.73 -0.11 -9.55
CA ASN B 82 -22.16 -1.34 -10.20
C ASN B 82 -22.17 -1.26 -11.71
N ASN B 83 -21.43 -0.33 -12.28
CA ASN B 83 -21.39 -0.17 -13.73
C ASN B 83 -20.11 0.56 -14.12
N SER B 84 -19.46 0.10 -15.19
CA SER B 84 -18.19 0.68 -15.65
C SER B 84 -18.29 2.09 -16.13
N ASN B 85 -19.46 2.54 -16.55
CA ASN B 85 -19.64 3.92 -16.99
C ASN B 85 -20.05 4.89 -15.88
N ALA B 86 -20.27 4.40 -14.67
CA ALA B 86 -20.67 5.27 -13.55
C ALA B 86 -19.45 5.75 -12.80
N GLU B 87 -19.58 6.83 -12.03
CA GLU B 87 -18.52 7.22 -11.13
C GLU B 87 -18.67 6.49 -9.76
N PHE B 88 -17.57 6.43 -9.03
CA PHE B 88 -17.56 5.81 -7.73
C PHE B 88 -18.35 6.69 -6.80
N GLN B 89 -19.15 6.07 -5.95
CA GLN B 89 -19.82 6.81 -4.89
C GLN B 89 -19.45 6.26 -3.52
N HIS B 90 -19.57 7.11 -2.53
CA HIS B 90 -19.38 6.71 -1.16
C HIS B 90 -20.61 5.92 -0.71
N LYS B 91 -20.38 4.66 -0.33
CA LYS B 91 -21.48 3.78 0.04
C LYS B 91 -21.60 3.59 1.55
N ARG B 92 -20.48 3.33 2.22
CA ARG B 92 -20.48 3.05 3.65
C ARG B 92 -19.14 3.45 4.26
N THR B 93 -19.04 3.40 5.57
CA THR B 93 -17.84 3.84 6.26
C THR B 93 -17.58 2.96 7.45
N LEU B 94 -16.31 2.67 7.69
CA LEU B 94 -15.89 1.99 8.91
C LEU B 94 -14.93 2.91 9.64
N THR B 95 -15.20 3.10 10.92
CA THR B 95 -14.44 4.02 11.74
C THR B 95 -13.80 3.17 12.80
N SER B 96 -12.48 3.15 12.83
CA SER B 96 -11.78 2.00 13.45
C SER B 96 -10.57 2.41 14.24
N SER B 97 -10.45 1.86 15.43
CA SER B 97 -9.18 2.02 16.18
C SER B 97 -8.18 0.88 15.87
N THR B 98 -8.59 -0.19 15.20
CA THR B 98 -7.70 -1.33 15.00
C THR B 98 -7.01 -1.28 13.65
N LYS B 99 -7.59 -0.58 12.68
CA LYS B 99 -7.06 -0.47 11.31
C LYS B 99 -7.13 -1.74 10.49
N LEU B 100 -8.02 -2.63 10.89
CA LEU B 100 -8.28 -3.88 10.18
C LEU B 100 -9.55 -3.77 9.33
N VAL B 101 -9.45 -4.27 8.09
CA VAL B 101 -10.50 -4.18 7.11
C VAL B 101 -10.75 -5.58 6.60
N GLY B 102 -12.00 -5.91 6.27
CA GLY B 102 -12.35 -7.26 5.85
C GLY B 102 -13.13 -7.26 4.54
N ILE B 103 -12.92 -8.29 3.73
CA ILE B 103 -13.78 -8.54 2.60
C ILE B 103 -14.07 -10.05 2.42
N LEU B 104 -15.30 -10.41 2.03
CA LEU B 104 -15.73 -11.80 1.97
C LEU B 104 -16.69 -12.00 0.84
N LYS B 105 -16.48 -13.06 0.07
CA LYS B 105 -17.48 -13.50 -0.93
C LYS B 105 -18.27 -14.64 -0.36
N HIS B 106 -19.58 -14.44 -0.20
CA HIS B 106 -20.47 -15.46 0.36
C HIS B 106 -21.93 -15.28 -0.04
N GLY B 107 -22.56 -16.36 -0.46
CA GLY B 107 -23.99 -16.40 -0.57
C GLY B 107 -24.56 -15.36 -1.51
N GLY B 108 -23.99 -15.30 -2.70
CA GLY B 108 -24.46 -14.34 -3.72
C GLY B 108 -24.08 -12.90 -3.45
N ARG B 109 -23.30 -12.67 -2.40
CA ARG B 109 -23.04 -11.31 -1.97
C ARG B 109 -21.58 -11.06 -1.64
N LEU B 110 -21.23 -9.79 -1.66
CA LEU B 110 -19.94 -9.33 -1.21
C LEU B 110 -20.09 -8.58 0.08
N TRP B 111 -19.31 -8.98 1.07
CA TRP B 111 -19.39 -8.49 2.41
C TRP B 111 -18.15 -7.69 2.84
N THR B 112 -18.42 -6.60 3.53
CA THR B 112 -17.46 -5.77 4.24
C THR B 112 -17.99 -5.44 5.63
N TYR B 113 -17.15 -4.79 6.43
CA TYR B 113 -17.53 -4.26 7.70
C TYR B 113 -17.79 -2.74 7.63
N HIS B 114 -18.78 -2.29 8.41
CA HIS B 114 -19.05 -0.88 8.57
C HIS B 114 -19.53 -0.54 9.96
N GLY B 115 -19.64 0.75 10.22
CA GLY B 115 -19.97 1.23 11.54
C GLY B 115 -18.70 1.61 12.27
N GLU B 116 -18.67 1.41 13.59
CA GLU B 116 -17.59 1.98 14.39
C GLU B 116 -17.18 0.97 15.43
N THR B 117 -15.87 0.73 15.51
CA THR B 117 -15.34 -0.18 16.49
C THR B 117 -15.65 0.33 17.88
N PRO B 118 -15.97 -0.57 18.81
CA PRO B 118 -15.94 -2.03 18.75
C PRO B 118 -17.26 -2.72 18.38
N ASN B 119 -18.11 -2.03 17.63
CA ASN B 119 -19.40 -2.57 17.26
C ASN B 119 -19.59 -2.64 15.76
N ALA B 120 -18.50 -2.79 15.02
CA ALA B 120 -18.59 -2.89 13.58
C ALA B 120 -19.29 -4.15 13.16
N THR B 121 -20.08 -4.05 12.10
CA THR B 121 -20.92 -5.14 11.61
C THR B 121 -20.76 -5.32 10.13
N THR B 122 -21.19 -6.47 9.66
CA THR B 122 -21.11 -6.75 8.26
C THR B 122 -22.31 -6.20 7.53
N ASP B 123 -22.09 -5.88 6.27
CA ASP B 123 -23.16 -5.55 5.34
C ASP B 123 -22.67 -5.96 3.95
N TYR B 124 -23.55 -5.88 2.98
CA TYR B 124 -23.31 -6.45 1.68
C TYR B 124 -23.62 -5.55 0.51
N SER B 125 -23.04 -5.94 -0.62
CA SER B 125 -23.41 -5.46 -1.91
C SER B 125 -23.86 -6.70 -2.70
N THR B 126 -24.82 -6.52 -3.60
CA THR B 126 -25.31 -7.65 -4.40
C THR B 126 -24.59 -7.69 -5.74
N THR B 127 -24.58 -8.88 -6.29
CA THR B 127 -23.94 -9.12 -7.56
C THR B 127 -24.57 -10.36 -8.20
N SER B 128 -24.58 -10.42 -9.51
CA SER B 128 -24.93 -11.68 -10.15
C SER B 128 -23.66 -12.43 -10.64
N ASN B 129 -22.47 -11.98 -10.24
CA ASN B 129 -21.21 -12.65 -10.68
C ASN B 129 -20.17 -12.59 -9.54
N LEU B 130 -20.45 -13.32 -8.49
CA LEU B 130 -19.70 -13.25 -7.26
C LEU B 130 -18.30 -13.87 -7.43
N ASN B 131 -18.27 -15.06 -8.00
CA ASN B 131 -17.05 -15.84 -8.08
C ASN B 131 -15.98 -15.11 -8.86
N GLU B 132 -16.35 -14.31 -9.84
CA GLU B 132 -15.39 -13.58 -10.65
C GLU B 132 -14.81 -12.34 -9.98
N ILE B 133 -15.22 -12.00 -8.77
CA ILE B 133 -14.62 -10.85 -8.12
C ILE B 133 -13.17 -11.15 -7.72
N SER B 134 -12.24 -10.44 -8.30
CA SER B 134 -10.86 -10.40 -7.81
C SER B 134 -10.55 -9.15 -7.00
N VAL B 135 -9.59 -9.27 -6.10
CA VAL B 135 -9.17 -8.21 -5.20
C VAL B 135 -7.65 -7.92 -5.38
N THR B 136 -7.25 -6.67 -5.28
CA THR B 136 -5.87 -6.36 -5.08
C THR B 136 -5.78 -5.78 -3.68
N THR B 137 -4.89 -6.30 -2.86
CA THR B 137 -4.60 -5.67 -1.55
C THR B 137 -3.37 -4.81 -1.60
N TYR B 138 -3.32 -3.79 -0.71
CA TYR B 138 -2.21 -2.85 -0.66
C TYR B 138 -1.51 -2.90 0.67
N ALA B 139 -1.80 -3.92 1.44
CA ALA B 139 -1.16 -4.15 2.72
C ALA B 139 -1.22 -5.64 3.02
N GLU B 140 -0.51 -6.07 4.05
CA GLU B 140 -0.50 -7.49 4.52
C GLU B 140 -1.88 -7.93 4.85
N PHE B 141 -2.17 -9.19 4.62
CA PHE B 141 -3.48 -9.68 5.01
C PHE B 141 -3.42 -11.08 5.54
N TYR B 142 -4.52 -11.47 6.17
CA TYR B 142 -4.73 -12.81 6.64
C TYR B 142 -5.97 -13.39 6.06
N ILE B 143 -6.07 -14.71 6.15
CA ILE B 143 -7.20 -15.43 5.61
C ILE B 143 -7.89 -16.23 6.70
N ILE B 144 -9.20 -16.08 6.82
CA ILE B 144 -9.93 -16.65 7.96
C ILE B 144 -11.22 -17.24 7.43
N PRO B 145 -11.44 -18.54 7.66
CA PRO B 145 -12.67 -19.12 7.11
C PRO B 145 -13.92 -18.48 7.72
N ARG B 146 -15.00 -18.47 6.94
CA ARG B 146 -16.26 -17.93 7.37
C ARG B 146 -16.79 -18.68 8.58
N SER B 147 -16.55 -19.98 8.64
CA SER B 147 -16.86 -20.75 9.83
C SER B 147 -16.27 -20.14 11.11
N GLN B 148 -15.19 -19.37 11.00
CA GLN B 148 -14.65 -18.62 12.15
C GLN B 148 -14.88 -17.09 12.06
N GLU B 149 -15.98 -16.69 11.42
CA GLU B 149 -16.29 -15.29 11.31
C GLU B 149 -16.31 -14.53 12.64
N SER B 150 -16.79 -15.13 13.73
CA SER B 150 -16.81 -14.34 14.96
C SER B 150 -15.41 -13.92 15.41
N LYS B 151 -14.42 -14.75 15.13
CA LYS B 151 -13.05 -14.43 15.44
C LYS B 151 -12.59 -13.26 14.56
N CYS B 152 -12.96 -13.30 13.29
CA CYS B 152 -12.68 -12.18 12.38
C CYS B 152 -13.35 -10.88 12.88
N THR B 153 -14.62 -10.97 13.23
CA THR B 153 -15.37 -9.83 13.77
C THR B 153 -14.69 -9.28 15.05
N GLU B 154 -14.13 -10.18 15.85
CA GLU B 154 -13.44 -9.75 17.04
C GLU B 154 -12.16 -9.01 16.66
N TYR B 155 -11.44 -9.50 15.65
CA TYR B 155 -10.20 -8.83 15.27
C TYR B 155 -10.51 -7.45 14.70
N ILE B 156 -11.52 -7.38 13.86
CA ILE B 156 -11.95 -6.11 13.27
C ILE B 156 -12.17 -5.06 14.38
N ASN B 157 -12.80 -5.51 15.45
CA ASN B 157 -13.29 -4.64 16.51
C ASN B 157 -12.32 -4.41 17.67
N THR B 158 -11.46 -5.39 17.97
CA THR B 158 -10.54 -5.26 19.09
C THR B 158 -9.08 -5.51 18.79
N GLY B 159 -8.72 -6.02 17.62
CA GLY B 159 -7.31 -6.00 17.21
C GLY B 159 -6.82 -7.42 17.14
N LEU B 160 -5.72 -7.64 16.42
CA LEU B 160 -5.13 -8.99 16.24
C LEU B 160 -4.63 -9.65 17.54
#